data_6CBA
#
_entry.id   6CBA
#
_cell.length_a   48.430
_cell.length_b   81.570
_cell.length_c   87.630
_cell.angle_alpha   90.000
_cell.angle_beta   90.000
_cell.angle_gamma   90.000
#
_symmetry.space_group_name_H-M   'P 21 21 21'
#
loop_
_entity.id
_entity.type
_entity.pdbx_description
1 polymer '2-oxoglutarate-dependent ethylene/succinate-forming enzyme'
2 non-polymer 'MANGANESE (II) ION'
3 non-polymer '2-OXOGLUTARIC ACID'
4 non-polymer L-CANAVANINE
5 water water
#
_entity_poly.entity_id   1
_entity_poly.type   'polypeptide(L)'
_entity_poly.pdbx_seq_one_letter_code
;SHMTNLQTFELPTEVTGCAADISLGRALIQAWQKDGIFQIKTDSEQDRKTQEAMAASKQFCKEPLTFKSSCVSDLTYSGY
VASGEEVTAGKPDFPEIFTVCKDLSVGDQRVKAGWPCHGPVPWPNNTYQKSMKTFMEELGLAGERLLKLTALGFELPINT
FTDLTRDGWHHMRVLRFPPQTSTLSRGIGAHTDYGLLVIAAQDDVGGLYIRPPVEGEKRNRNWLPGESSAGMFEHDEPWT
FVTPTPGVWTVFPGDILQFMTGGQLLSTPHKVKLNTRERFACAYFHEPNFEASAYPLFEPSANERIHYGEHFTNMFMRCY
PDRITTQRINKENRLAHLEDLKKYSDTRATGS
;
_entity_poly.pdbx_strand_id   A
#
# COMPACT_ATOMS: atom_id res chain seq x y z
N ASN A 5 -10.40 -9.94 -18.87
CA ASN A 5 -10.74 -10.94 -17.86
C ASN A 5 -9.52 -11.36 -17.04
N LEU A 6 -9.48 -10.94 -15.79
CA LEU A 6 -8.31 -11.22 -14.98
C LEU A 6 -8.27 -12.67 -14.55
N GLN A 7 -7.08 -13.13 -14.22
N GLN A 7 -7.06 -13.14 -14.25
CA GLN A 7 -6.92 -14.46 -13.66
CA GLN A 7 -6.87 -14.44 -13.65
C GLN A 7 -7.20 -14.42 -12.17
C GLN A 7 -7.25 -14.39 -12.18
N THR A 8 -7.84 -15.48 -11.69
CA THR A 8 -8.16 -15.64 -10.29
C THR A 8 -7.54 -16.93 -9.79
N PHE A 9 -6.79 -16.83 -8.69
CA PHE A 9 -6.10 -17.95 -8.10
C PHE A 9 -6.55 -18.14 -6.65
N GLU A 10 -6.62 -19.39 -6.23
CA GLU A 10 -6.74 -19.72 -4.82
C GLU A 10 -5.35 -20.04 -4.29
N LEU A 11 -4.95 -19.38 -3.21
CA LEU A 11 -3.65 -19.65 -2.63
C LEU A 11 -3.75 -20.78 -1.61
N PRO A 12 -2.73 -21.61 -1.50
CA PRO A 12 -2.69 -22.58 -0.41
C PRO A 12 -2.52 -21.87 0.91
N THR A 13 -3.01 -22.49 1.99
CA THR A 13 -2.91 -21.84 3.28
C THR A 13 -1.46 -21.67 3.71
N GLU A 14 -0.66 -22.71 3.51
CA GLU A 14 0.77 -22.66 3.79
C GLU A 14 1.53 -22.96 2.50
N VAL A 15 2.63 -22.24 2.32
CA VAL A 15 3.51 -22.39 1.17
C VAL A 15 4.78 -23.08 1.66
N THR A 16 5.05 -24.28 1.13
CA THR A 16 6.17 -25.08 1.60
C THR A 16 7.30 -25.22 0.58
N GLY A 17 7.08 -24.85 -0.69
CA GLY A 17 8.09 -25.05 -1.71
C GLY A 17 7.92 -26.31 -2.52
N CYS A 18 6.80 -27.02 -2.38
CA CYS A 18 6.51 -28.17 -3.21
C CYS A 18 6.29 -27.74 -4.66
N ALA A 19 6.21 -28.73 -5.55
CA ALA A 19 6.10 -28.44 -6.98
C ALA A 19 4.85 -27.60 -7.28
N ALA A 20 3.74 -27.86 -6.58
CA ALA A 20 2.54 -27.09 -6.85
C ALA A 20 2.74 -25.63 -6.50
N ASP A 21 3.47 -25.37 -5.41
CA ASP A 21 3.74 -24.00 -5.00
C ASP A 21 4.61 -23.30 -6.03
N ILE A 22 5.66 -23.98 -6.51
CA ILE A 22 6.53 -23.40 -7.51
C ILE A 22 5.72 -23.08 -8.77
N SER A 23 4.89 -24.03 -9.20
CA SER A 23 4.04 -23.79 -10.36
C SER A 23 3.14 -22.59 -10.17
N LEU A 24 2.53 -22.47 -9.00
CA LEU A 24 1.67 -21.33 -8.73
C LEU A 24 2.46 -20.02 -8.79
N GLY A 25 3.65 -20.00 -8.19
CA GLY A 25 4.48 -18.81 -8.30
C GLY A 25 4.78 -18.43 -9.74
N ARG A 26 5.09 -19.42 -10.59
CA ARG A 26 5.29 -19.13 -12.00
C ARG A 26 4.07 -18.46 -12.59
N ALA A 27 2.88 -18.97 -12.26
CA ALA A 27 1.65 -18.44 -12.81
C ALA A 27 1.36 -17.03 -12.32
N LEU A 28 1.67 -16.74 -11.05
CA LEU A 28 1.46 -15.39 -10.53
C LEU A 28 2.34 -14.40 -11.26
N ILE A 29 3.61 -14.75 -11.45
CA ILE A 29 4.53 -13.89 -12.17
C ILE A 29 4.04 -13.67 -13.59
N GLN A 30 3.63 -14.75 -14.27
N GLN A 30 3.64 -14.76 -14.26
CA GLN A 30 3.16 -14.62 -15.64
CA GLN A 30 3.14 -14.65 -15.63
C GLN A 30 1.93 -13.71 -15.72
C GLN A 30 1.95 -13.71 -15.72
N ALA A 31 1.03 -13.80 -14.75
CA ALA A 31 -0.16 -12.97 -14.76
C ALA A 31 0.20 -11.50 -14.54
N TRP A 32 1.12 -11.23 -13.62
CA TRP A 32 1.60 -9.86 -13.48
C TRP A 32 2.28 -9.36 -14.75
N GLN A 33 3.06 -10.21 -15.41
CA GLN A 33 3.79 -9.79 -16.59
C GLN A 33 2.87 -9.53 -17.78
N LYS A 34 1.71 -10.20 -17.82
CA LYS A 34 0.76 -10.01 -18.91
C LYS A 34 -0.25 -8.92 -18.59
N ASP A 35 -0.88 -9.00 -17.42
CA ASP A 35 -2.01 -8.14 -17.09
C ASP A 35 -1.68 -7.04 -16.09
N GLY A 36 -0.58 -7.16 -15.35
CA GLY A 36 -0.27 -6.21 -14.31
C GLY A 36 -0.98 -6.44 -12.98
N ILE A 37 -1.80 -7.48 -12.87
CA ILE A 37 -2.70 -7.66 -11.73
C ILE A 37 -3.27 -9.06 -11.85
N PHE A 38 -3.67 -9.63 -10.72
CA PHE A 38 -4.53 -10.80 -10.71
C PHE A 38 -5.40 -10.71 -9.47
N GLN A 39 -6.35 -11.63 -9.39
CA GLN A 39 -7.26 -11.74 -8.26
C GLN A 39 -6.92 -13.00 -7.47
N ILE A 40 -7.10 -12.92 -6.15
CA ILE A 40 -7.04 -14.11 -5.30
C ILE A 40 -8.41 -14.31 -4.66
N LYS A 41 -8.85 -15.56 -4.67
CA LYS A 41 -10.14 -15.92 -4.11
C LYS A 41 -10.09 -15.80 -2.60
N THR A 42 -11.13 -15.26 -2.01
CA THR A 42 -11.22 -15.15 -0.56
C THR A 42 -12.08 -16.27 -0.01
N ASP A 43 -11.71 -16.76 1.15
CA ASP A 43 -12.54 -17.71 1.88
C ASP A 43 -13.52 -16.95 2.77
N SER A 44 -14.33 -17.70 3.51
CA SER A 44 -15.43 -17.06 4.24
C SER A 44 -14.91 -16.09 5.30
N GLU A 45 -13.80 -16.43 5.96
CA GLU A 45 -13.28 -15.54 6.98
C GLU A 45 -12.60 -14.32 6.37
N GLN A 46 -11.83 -14.50 5.31
CA GLN A 46 -11.25 -13.37 4.61
C GLN A 46 -12.35 -12.42 4.13
N ASP A 47 -13.43 -12.96 3.57
CA ASP A 47 -14.53 -12.13 3.12
C ASP A 47 -15.23 -11.45 4.28
N ARG A 48 -15.51 -12.19 5.36
CA ARG A 48 -16.20 -11.58 6.50
C ARG A 48 -15.41 -10.40 7.03
N LYS A 49 -14.10 -10.58 7.17
CA LYS A 49 -13.26 -9.51 7.72
C LYS A 49 -13.22 -8.32 6.77
N THR A 50 -13.21 -8.58 5.45
CA THR A 50 -13.27 -7.51 4.48
C THR A 50 -14.56 -6.72 4.65
N GLN A 51 -15.69 -7.42 4.72
CA GLN A 51 -16.97 -6.73 4.81
C GLN A 51 -17.11 -5.96 6.11
N GLU A 52 -16.59 -6.50 7.21
CA GLU A 52 -16.66 -5.77 8.48
C GLU A 52 -15.82 -4.50 8.43
N ALA A 53 -14.68 -4.54 7.76
CA ALA A 53 -13.88 -3.34 7.57
C ALA A 53 -14.62 -2.31 6.72
N MET A 54 -15.24 -2.75 5.63
N MET A 54 -15.22 -2.75 5.60
CA MET A 54 -15.97 -1.82 4.78
CA MET A 54 -15.98 -1.83 4.77
C MET A 54 -17.15 -1.20 5.51
C MET A 54 -17.10 -1.18 5.57
N ALA A 55 -17.79 -1.97 6.38
CA ALA A 55 -18.89 -1.43 7.18
C ALA A 55 -18.40 -0.41 8.19
N ALA A 56 -17.27 -0.69 8.85
CA ALA A 56 -16.72 0.25 9.82
C ALA A 56 -16.32 1.54 9.13
N SER A 57 -15.78 1.43 7.93
CA SER A 57 -15.44 2.61 7.14
C SER A 57 -16.66 3.45 6.84
N LYS A 58 -17.74 2.82 6.35
CA LYS A 58 -18.96 3.56 6.04
C LYS A 58 -19.48 4.28 7.26
N GLN A 59 -19.43 3.66 8.43
N GLN A 59 -19.45 3.63 8.43
CA GLN A 59 -19.95 4.32 9.62
CA GLN A 59 -19.93 4.27 9.65
C GLN A 59 -19.06 5.47 10.07
C GLN A 59 -19.06 5.46 10.03
N PHE A 60 -17.74 5.29 9.99
CA PHE A 60 -16.84 6.39 10.33
C PHE A 60 -17.04 7.59 9.41
N CYS A 61 -17.17 7.35 8.11
CA CYS A 61 -17.29 8.46 7.18
C CYS A 61 -18.56 9.28 7.40
N LYS A 62 -19.59 8.70 8.02
CA LYS A 62 -20.80 9.45 8.35
C LYS A 62 -20.61 10.42 9.51
N GLU A 63 -19.49 10.32 10.24
CA GLU A 63 -19.24 11.21 11.35
C GLU A 63 -18.97 12.63 10.87
N PRO A 64 -19.16 13.63 11.73
N PRO A 64 -19.16 13.62 11.74
CA PRO A 64 -18.90 15.00 11.32
CA PRO A 64 -18.89 15.00 11.33
C PRO A 64 -17.43 15.22 10.96
C PRO A 64 -17.43 15.20 10.96
N LEU A 65 -17.21 16.11 10.00
CA LEU A 65 -15.87 16.37 9.51
C LEU A 65 -14.91 16.78 10.63
N THR A 66 -15.37 17.62 11.56
N THR A 66 -15.37 17.60 11.58
CA THR A 66 -14.50 18.02 12.66
CA THR A 66 -14.49 18.03 12.66
C THR A 66 -13.99 16.82 13.43
C THR A 66 -14.00 16.84 13.46
N PHE A 67 -14.87 15.85 13.70
CA PHE A 67 -14.44 14.67 14.42
C PHE A 67 -13.45 13.87 13.59
N LYS A 68 -13.78 13.63 12.31
CA LYS A 68 -12.89 12.85 11.48
C LYS A 68 -11.52 13.52 11.41
N SER A 69 -11.50 14.84 11.22
CA SER A 69 -10.25 15.58 11.13
C SER A 69 -9.46 15.58 12.43
N SER A 70 -10.11 15.30 13.56
CA SER A 70 -9.38 15.19 14.81
C SER A 70 -8.56 13.92 14.90
N CYS A 71 -8.84 12.94 14.04
CA CYS A 71 -8.12 11.66 14.07
C CYS A 71 -6.84 11.80 13.25
N VAL A 72 -5.89 12.53 13.82
N VAL A 72 -5.87 12.51 13.83
CA VAL A 72 -4.63 12.85 13.18
CA VAL A 72 -4.64 12.88 13.14
C VAL A 72 -3.55 12.78 14.24
C VAL A 72 -3.54 12.98 14.19
N SER A 73 -2.31 12.65 13.78
CA SER A 73 -1.15 12.59 14.65
C SER A 73 -0.02 13.37 14.03
N ASP A 74 0.76 14.05 14.86
CA ASP A 74 1.97 14.69 14.35
C ASP A 74 3.18 13.78 14.44
N LEU A 75 3.01 12.51 14.82
CA LEU A 75 4.09 11.53 14.86
C LEU A 75 4.01 10.49 13.75
N THR A 76 2.81 10.02 13.45
CA THR A 76 2.58 9.05 12.39
C THR A 76 1.63 9.64 11.38
N TYR A 77 1.72 9.17 10.13
CA TYR A 77 0.78 9.53 9.08
C TYR A 77 -0.55 8.82 9.23
N SER A 78 -0.67 7.87 10.16
CA SER A 78 -1.96 7.23 10.37
C SER A 78 -3.03 8.26 10.68
N GLY A 79 -4.25 7.95 10.25
CA GLY A 79 -5.40 8.79 10.52
C GLY A 79 -6.05 9.35 9.27
N TYR A 80 -6.83 10.41 9.47
CA TYR A 80 -7.77 10.87 8.48
C TYR A 80 -7.15 11.83 7.49
N VAL A 81 -7.59 11.70 6.24
CA VAL A 81 -7.25 12.59 5.13
C VAL A 81 -8.58 13.03 4.55
N ALA A 82 -8.82 14.33 4.52
CA ALA A 82 -10.07 14.83 3.96
C ALA A 82 -10.04 14.75 2.44
N SER A 83 -11.24 14.70 1.85
CA SER A 83 -11.37 14.83 0.41
C SER A 83 -10.71 16.13 -0.03
N GLY A 84 -9.83 16.05 -1.01
CA GLY A 84 -9.11 17.19 -1.51
C GLY A 84 -7.82 17.50 -0.81
N GLU A 85 -7.46 16.77 0.24
CA GLU A 85 -6.26 17.07 1.02
C GLU A 85 -5.01 16.45 0.44
N GLU A 86 -5.09 15.20 -0.02
CA GLU A 86 -3.92 14.56 -0.60
C GLU A 86 -3.64 15.10 -2.00
N VAL A 87 -2.34 15.16 -2.33
N VAL A 87 -2.37 15.20 -2.36
CA VAL A 87 -1.84 15.59 -3.63
CA VAL A 87 -1.97 15.61 -3.70
C VAL A 87 -1.22 14.38 -4.34
C VAL A 87 -1.19 14.49 -4.37
N THR A 88 -1.56 14.21 -5.61
CA THR A 88 -0.86 13.27 -6.50
C THR A 88 -0.51 14.06 -7.75
N ALA A 89 0.77 14.10 -8.10
CA ALA A 89 1.21 14.81 -9.30
C ALA A 89 0.67 16.24 -9.32
N GLY A 90 0.74 16.91 -8.18
CA GLY A 90 0.41 18.33 -8.10
C GLY A 90 -1.06 18.66 -8.09
N LYS A 91 -1.94 17.66 -8.05
CA LYS A 91 -3.37 17.87 -8.11
C LYS A 91 -4.05 17.18 -6.93
N PRO A 92 -5.04 17.82 -6.33
N PRO A 92 -5.10 17.78 -6.39
CA PRO A 92 -5.76 17.17 -5.23
CA PRO A 92 -5.77 17.17 -5.23
C PRO A 92 -6.46 15.89 -5.67
C PRO A 92 -6.59 15.95 -5.61
N ASP A 93 -6.50 14.93 -4.75
CA ASP A 93 -7.27 13.69 -4.91
C ASP A 93 -8.54 13.83 -4.08
N PHE A 94 -9.58 13.11 -4.49
N PHE A 94 -9.62 13.16 -4.56
CA PHE A 94 -10.85 13.36 -3.83
CA PHE A 94 -10.96 13.28 -4.00
C PHE A 94 -11.45 12.29 -2.93
C PHE A 94 -11.34 12.38 -2.82
N PRO A 95 -10.77 11.19 -2.60
CA PRO A 95 -11.33 10.33 -1.57
C PRO A 95 -11.06 10.93 -0.21
N GLU A 96 -11.92 10.59 0.74
CA GLU A 96 -11.53 10.68 2.13
C GLU A 96 -10.91 9.34 2.53
N ILE A 97 -9.89 9.40 3.37
CA ILE A 97 -9.06 8.25 3.66
C ILE A 97 -8.83 8.16 5.16
N PHE A 98 -8.71 6.93 5.65
CA PHE A 98 -8.13 6.69 6.97
C PHE A 98 -6.95 5.76 6.74
N THR A 99 -5.75 6.23 7.07
CA THR A 99 -4.54 5.44 6.87
C THR A 99 -4.20 4.72 8.17
N VAL A 100 -3.93 3.43 8.07
CA VAL A 100 -3.51 2.63 9.22
C VAL A 100 -2.08 2.18 9.01
N CYS A 101 -1.14 2.77 9.75
CA CYS A 101 0.24 2.30 9.79
C CYS A 101 0.45 1.49 11.07
N LYS A 102 1.65 0.96 11.23
CA LYS A 102 2.03 0.21 12.42
C LYS A 102 1.66 1.03 13.66
N ASP A 103 0.98 0.41 14.60
CA ASP A 103 0.36 1.13 15.71
C ASP A 103 1.32 1.08 16.90
N LEU A 104 2.10 2.13 17.10
CA LEU A 104 3.13 2.17 18.10
C LEU A 104 2.83 3.27 19.12
N SER A 105 2.78 2.91 20.40
CA SER A 105 2.54 3.90 21.42
C SER A 105 3.79 4.71 21.71
N VAL A 106 3.63 5.76 22.51
CA VAL A 106 4.78 6.54 22.96
C VAL A 106 5.66 5.76 23.93
N GLY A 107 5.26 4.56 24.34
CA GLY A 107 6.13 3.66 25.06
C GLY A 107 7.12 2.90 24.18
N ASP A 108 6.93 2.91 22.87
CA ASP A 108 7.82 2.20 21.98
C ASP A 108 9.13 2.98 21.81
N GLN A 109 10.25 2.25 21.82
N GLN A 109 10.26 2.27 21.87
CA GLN A 109 11.56 2.90 21.79
CA GLN A 109 11.54 2.96 21.80
C GLN A 109 11.82 3.65 20.49
C GLN A 109 11.69 3.76 20.52
N ARG A 110 11.18 3.25 19.39
CA ARG A 110 11.34 3.99 18.13
C ARG A 110 10.62 5.32 18.20
N VAL A 111 9.47 5.36 18.86
CA VAL A 111 8.74 6.61 19.03
C VAL A 111 9.48 7.53 19.98
N LYS A 112 10.00 6.98 21.08
CA LYS A 112 10.78 7.80 22.01
C LYS A 112 11.99 8.41 21.31
N ALA A 113 12.60 7.67 20.39
CA ALA A 113 13.76 8.14 19.64
C ALA A 113 13.40 9.11 18.53
N GLY A 114 12.11 9.36 18.31
CA GLY A 114 11.71 10.33 17.30
C GLY A 114 11.86 9.84 15.88
N TRP A 115 11.77 8.55 15.64
CA TRP A 115 11.90 8.06 14.27
C TRP A 115 10.74 8.59 13.43
N PRO A 116 11.01 9.08 12.21
CA PRO A 116 9.91 9.62 11.40
C PRO A 116 8.86 8.56 11.16
N CYS A 117 7.60 8.99 11.21
CA CYS A 117 6.43 8.24 10.82
C CYS A 117 6.02 7.21 11.87
N HIS A 118 6.71 7.13 13.00
CA HIS A 118 6.41 6.14 14.04
C HIS A 118 5.54 6.78 15.13
N GLY A 119 4.39 6.18 15.39
CA GLY A 119 3.50 6.68 16.39
C GLY A 119 2.18 5.94 16.37
N PRO A 120 1.26 6.35 17.25
CA PRO A 120 0.04 5.56 17.45
C PRO A 120 -1.08 5.95 16.50
N VAL A 121 -1.81 4.95 16.03
CA VAL A 121 -2.94 5.22 15.13
C VAL A 121 -4.01 6.00 15.89
N PRO A 122 -4.50 7.11 15.35
CA PRO A 122 -5.58 7.86 16.04
C PRO A 122 -6.94 7.25 15.72
N TRP A 123 -7.18 6.06 16.25
CA TRP A 123 -8.38 5.32 15.90
C TRP A 123 -9.62 6.14 16.25
N PRO A 124 -10.67 6.06 15.43
CA PRO A 124 -11.89 6.79 15.79
C PRO A 124 -12.60 6.17 16.97
N ASN A 125 -12.55 4.84 17.09
CA ASN A 125 -13.16 4.12 18.19
C ASN A 125 -12.59 2.71 18.17
N ASN A 126 -12.84 1.99 19.25
N ASN A 126 -12.97 1.94 19.19
CA ASN A 126 -12.15 0.71 19.44
CA ASN A 126 -12.42 0.60 19.39
C ASN A 126 -12.78 -0.41 18.62
C ASN A 126 -12.98 -0.40 18.39
N THR A 127 -14.01 -0.24 18.12
N THR A 127 -14.27 -0.30 18.05
CA THR A 127 -14.54 -1.22 17.19
CA THR A 127 -14.82 -1.20 17.05
C THR A 127 -13.94 -1.07 15.80
C THR A 127 -14.05 -1.08 15.73
N TYR A 128 -13.74 0.16 15.34
CA TYR A 128 -13.01 0.39 14.10
C TYR A 128 -11.60 -0.17 14.20
N GLN A 129 -10.93 0.07 15.33
CA GLN A 129 -9.61 -0.49 15.56
C GLN A 129 -9.61 -2.00 15.41
N LYS A 130 -10.53 -2.67 16.10
CA LYS A 130 -10.54 -4.12 16.06
C LYS A 130 -10.80 -4.63 14.64
N SER A 131 -11.73 -4.01 13.93
CA SER A 131 -12.06 -4.47 12.58
C SER A 131 -10.86 -4.31 11.66
N MET A 132 -10.15 -3.19 11.76
CA MET A 132 -9.04 -2.98 10.84
C MET A 132 -7.85 -3.86 11.20
N LYS A 133 -7.58 -4.04 12.50
N LYS A 133 -7.57 -4.02 12.50
N LYS A 133 -7.58 -4.02 12.50
CA LYS A 133 -6.45 -4.87 12.88
CA LYS A 133 -6.46 -4.88 12.92
CA LYS A 133 -6.47 -4.87 12.91
C LYS A 133 -6.70 -6.32 12.48
C LYS A 133 -6.70 -6.31 12.48
C LYS A 133 -6.70 -6.31 12.48
N THR A 134 -7.92 -6.83 12.69
CA THR A 134 -8.24 -8.19 12.29
C THR A 134 -8.10 -8.36 10.78
N PHE A 135 -8.59 -7.39 10.01
CA PHE A 135 -8.49 -7.45 8.55
C PHE A 135 -7.02 -7.42 8.12
N MET A 136 -6.22 -6.52 8.69
CA MET A 136 -4.81 -6.42 8.31
C MET A 136 -4.01 -7.65 8.70
N GLU A 137 -4.36 -8.30 9.82
N GLU A 137 -4.38 -8.34 9.78
CA GLU A 137 -3.72 -9.58 10.13
CA GLU A 137 -3.67 -9.58 10.11
C GLU A 137 -3.94 -10.58 9.00
C GLU A 137 -3.96 -10.65 9.05
N GLU A 138 -5.20 -10.71 8.57
CA GLU A 138 -5.53 -11.66 7.51
C GLU A 138 -4.85 -11.27 6.20
N LEU A 139 -4.84 -9.98 5.87
CA LEU A 139 -4.16 -9.51 4.68
C LEU A 139 -2.68 -9.84 4.72
N GLY A 140 -2.07 -9.69 5.90
CA GLY A 140 -0.65 -10.01 6.03
C GLY A 140 -0.36 -11.48 5.80
N LEU A 141 -1.23 -12.36 6.27
CA LEU A 141 -1.03 -13.77 5.99
C LEU A 141 -1.02 -14.02 4.49
N ALA A 142 -1.89 -13.36 3.75
CA ALA A 142 -1.91 -13.51 2.30
C ALA A 142 -0.67 -12.92 1.67
N GLY A 143 -0.23 -11.75 2.16
CA GLY A 143 0.99 -11.15 1.66
C GLY A 143 2.19 -12.05 1.81
N GLU A 144 2.32 -12.73 2.95
CA GLU A 144 3.44 -13.63 3.15
C GLU A 144 3.37 -14.82 2.20
N ARG A 145 2.18 -15.40 2.01
CA ARG A 145 2.03 -16.47 1.03
C ARG A 145 2.49 -16.02 -0.34
N LEU A 146 2.02 -14.84 -0.76
CA LEU A 146 2.35 -14.29 -2.07
C LEU A 146 3.84 -14.09 -2.23
N LEU A 147 4.51 -13.62 -1.18
CA LEU A 147 5.94 -13.39 -1.27
C LEU A 147 6.73 -14.68 -1.36
N LYS A 148 6.30 -15.72 -0.65
CA LYS A 148 6.97 -17.01 -0.78
C LYS A 148 6.76 -17.59 -2.17
N LEU A 149 5.54 -17.47 -2.70
CA LEU A 149 5.26 -17.97 -4.04
C LEU A 149 6.07 -17.22 -5.09
N THR A 150 6.19 -15.90 -4.94
CA THR A 150 6.92 -15.09 -5.92
C THR A 150 8.39 -15.48 -5.92
N ALA A 151 8.99 -15.65 -4.73
CA ALA A 151 10.36 -16.13 -4.66
C ALA A 151 10.51 -17.46 -5.39
N LEU A 152 9.63 -18.41 -5.11
CA LEU A 152 9.72 -19.72 -5.75
C LEU A 152 9.61 -19.60 -7.26
N GLY A 153 8.74 -18.71 -7.74
CA GLY A 153 8.55 -18.59 -9.18
C GLY A 153 9.77 -18.07 -9.89
N PHE A 154 10.60 -17.27 -9.20
CA PHE A 154 11.85 -16.76 -9.72
C PHE A 154 13.04 -17.66 -9.38
N GLU A 155 12.80 -18.85 -8.85
CA GLU A 155 13.86 -19.79 -8.49
C GLU A 155 14.79 -19.22 -7.44
N LEU A 156 14.24 -18.45 -6.54
CA LEU A 156 14.95 -17.88 -5.42
C LEU A 156 14.64 -18.67 -4.16
N PRO A 157 15.51 -18.61 -3.16
CA PRO A 157 15.16 -19.17 -1.85
C PRO A 157 13.81 -18.65 -1.38
N ILE A 158 13.01 -19.56 -0.80
CA ILE A 158 11.62 -19.26 -0.48
C ILE A 158 11.47 -18.05 0.43
N ASN A 159 12.46 -17.79 1.30
CA ASN A 159 12.39 -16.70 2.26
C ASN A 159 13.01 -15.40 1.77
N THR A 160 13.30 -15.29 0.46
CA THR A 160 14.03 -14.13 -0.03
C THR A 160 13.32 -12.84 0.31
N PHE A 161 12.00 -12.76 0.04
CA PHE A 161 11.27 -11.54 0.32
C PHE A 161 10.76 -11.48 1.75
N THR A 162 10.34 -12.61 2.32
CA THR A 162 9.84 -12.58 3.70
C THR A 162 10.94 -12.22 4.68
N ASP A 163 12.21 -12.45 4.35
CA ASP A 163 13.30 -12.01 5.21
C ASP A 163 13.37 -10.50 5.33
N LEU A 164 12.74 -9.77 4.40
CA LEU A 164 12.69 -8.32 4.49
C LEU A 164 11.44 -7.80 5.19
N THR A 165 10.45 -8.64 5.44
CA THR A 165 9.16 -8.20 5.96
C THR A 165 8.92 -8.57 7.41
N ARG A 166 9.93 -9.04 8.12
CA ARG A 166 9.76 -9.24 9.55
C ARG A 166 9.54 -7.89 10.20
N ASP A 167 8.48 -7.79 11.01
CA ASP A 167 8.01 -6.51 11.55
C ASP A 167 7.85 -5.49 10.42
N GLY A 168 7.34 -5.96 9.28
CA GLY A 168 7.23 -5.11 8.10
C GLY A 168 6.33 -3.91 8.33
N TRP A 169 6.59 -2.84 7.56
CA TRP A 169 5.86 -1.58 7.68
C TRP A 169 4.53 -1.65 6.94
N HIS A 170 3.76 -2.70 7.20
CA HIS A 170 2.51 -2.89 6.49
C HIS A 170 1.56 -1.77 6.86
N HIS A 171 0.77 -1.32 5.89
CA HIS A 171 -0.18 -0.26 6.17
C HIS A 171 -1.34 -0.39 5.20
N MET A 172 -2.39 0.39 5.46
CA MET A 172 -3.62 0.28 4.68
C MET A 172 -4.27 1.63 4.54
N ARG A 173 -4.82 1.89 3.36
CA ARG A 173 -5.64 3.07 3.09
C ARG A 173 -7.08 2.62 2.98
N VAL A 174 -7.90 3.14 3.87
CA VAL A 174 -9.32 2.83 3.93
C VAL A 174 -10.02 4.01 3.28
N LEU A 175 -10.61 3.80 2.10
CA LEU A 175 -11.00 4.89 1.21
C LEU A 175 -12.50 4.98 1.01
N ARG A 176 -13.01 6.21 0.95
CA ARG A 176 -14.35 6.47 0.44
C ARG A 176 -14.23 7.53 -0.64
N PHE A 177 -14.60 7.19 -1.87
CA PHE A 177 -14.67 8.15 -2.95
C PHE A 177 -16.07 8.72 -3.01
N PRO A 178 -16.22 10.04 -3.08
CA PRO A 178 -17.55 10.61 -3.24
C PRO A 178 -18.08 10.31 -4.62
N PRO A 179 -19.38 10.45 -4.84
CA PRO A 179 -19.88 10.49 -6.21
C PRO A 179 -19.32 11.71 -6.92
N GLN A 180 -19.25 11.63 -8.23
CA GLN A 180 -18.85 12.79 -9.01
C GLN A 180 -19.95 13.86 -8.92
N THR A 181 -19.57 15.07 -8.50
CA THR A 181 -20.50 16.18 -8.37
C THR A 181 -20.13 17.40 -9.19
N SER A 182 -18.92 17.44 -9.76
CA SER A 182 -18.48 18.53 -10.62
C SER A 182 -18.06 17.93 -11.96
N THR A 183 -17.48 18.77 -12.82
CA THR A 183 -16.95 18.29 -14.08
C THR A 183 -15.72 17.40 -13.91
N LEU A 184 -15.09 17.39 -12.73
CA LEU A 184 -13.87 16.63 -12.54
C LEU A 184 -14.20 15.19 -12.20
N SER A 185 -13.69 14.26 -13.01
CA SER A 185 -13.87 12.84 -12.76
C SER A 185 -12.69 12.19 -12.02
N ARG A 186 -11.61 12.92 -11.82
CA ARG A 186 -10.41 12.36 -11.21
C ARG A 186 -10.68 12.01 -9.74
N GLY A 187 -10.52 10.74 -9.39
CA GLY A 187 -10.56 10.34 -7.99
C GLY A 187 -9.19 10.39 -7.36
N ILE A 188 -8.30 9.55 -7.88
CA ILE A 188 -6.87 9.60 -7.60
C ILE A 188 -6.15 9.55 -8.94
N GLY A 189 -5.16 10.40 -9.10
CA GLY A 189 -4.37 10.38 -10.30
C GLY A 189 -3.52 9.12 -10.43
N ALA A 190 -3.02 8.91 -11.64
CA ALA A 190 -2.14 7.78 -11.91
C ALA A 190 -0.93 7.80 -10.97
N HIS A 191 -0.58 6.64 -10.46
CA HIS A 191 0.57 6.52 -9.57
C HIS A 191 0.92 5.05 -9.41
N THR A 192 2.04 4.80 -8.76
CA THR A 192 2.42 3.46 -8.30
C THR A 192 2.57 3.50 -6.78
N ASP A 193 2.31 2.37 -6.16
CA ASP A 193 2.50 2.22 -4.73
C ASP A 193 3.92 1.73 -4.43
N TYR A 194 4.29 1.73 -3.14
CA TYR A 194 5.68 1.95 -2.77
C TYR A 194 6.42 0.72 -2.28
N GLY A 195 5.71 -0.35 -1.92
CA GLY A 195 6.32 -1.46 -1.24
C GLY A 195 6.42 -2.71 -2.09
N LEU A 196 6.22 -3.87 -1.47
CA LEU A 196 6.36 -5.12 -2.22
C LEU A 196 5.07 -5.45 -2.97
N LEU A 197 3.95 -5.51 -2.26
CA LEU A 197 2.68 -5.92 -2.84
C LEU A 197 1.59 -4.96 -2.42
N VAL A 198 0.58 -4.85 -3.27
CA VAL A 198 -0.67 -4.18 -2.96
C VAL A 198 -1.78 -5.21 -3.05
N ILE A 199 -2.54 -5.38 -1.98
CA ILE A 199 -3.68 -6.27 -1.92
C ILE A 199 -4.88 -5.38 -1.67
N ALA A 200 -5.88 -5.43 -2.54
CA ALA A 200 -6.96 -4.48 -2.46
C ALA A 200 -8.33 -5.15 -2.55
N ALA A 201 -9.29 -4.50 -1.91
CA ALA A 201 -10.68 -4.89 -1.93
C ALA A 201 -11.50 -3.68 -2.33
N GLN A 202 -12.61 -3.93 -3.02
CA GLN A 202 -13.52 -2.87 -3.39
C GLN A 202 -14.95 -3.35 -3.26
N ASP A 203 -15.87 -2.39 -3.17
CA ASP A 203 -17.30 -2.70 -3.21
C ASP A 203 -17.78 -2.86 -4.65
N ASP A 204 -19.09 -2.78 -4.85
CA ASP A 204 -19.71 -3.06 -6.14
C ASP A 204 -19.67 -1.89 -7.13
N VAL A 205 -19.20 -0.71 -6.73
CA VAL A 205 -19.43 0.48 -7.55
C VAL A 205 -18.54 0.53 -8.78
N GLY A 206 -17.24 0.36 -8.60
CA GLY A 206 -16.32 0.41 -9.72
C GLY A 206 -15.67 1.76 -9.93
N GLY A 207 -14.38 1.74 -10.28
CA GLY A 207 -13.65 2.94 -10.59
C GLY A 207 -12.14 2.78 -10.68
N LEU A 208 -11.60 1.62 -10.32
CA LEU A 208 -10.15 1.38 -10.37
C LEU A 208 -9.73 0.94 -11.78
N TYR A 209 -8.70 1.61 -12.31
CA TYR A 209 -8.09 1.27 -13.59
C TYR A 209 -6.61 1.01 -13.35
N ILE A 210 -6.07 0.00 -14.03
CA ILE A 210 -4.66 -0.36 -13.90
C ILE A 210 -4.04 -0.43 -15.29
N ARG A 211 -2.74 -0.18 -15.35
CA ARG A 211 -2.02 -0.19 -16.63
C ARG A 211 -1.19 -1.47 -16.69
N PRO A 212 -1.43 -2.35 -17.66
CA PRO A 212 -0.60 -3.57 -17.77
C PRO A 212 0.78 -3.20 -18.28
N PRO A 213 1.74 -4.13 -18.19
CA PRO A 213 3.02 -3.92 -18.86
C PRO A 213 2.80 -3.69 -20.35
N VAL A 214 3.57 -2.75 -20.91
CA VAL A 214 3.51 -2.40 -22.32
C VAL A 214 4.89 -2.58 -22.91
N GLU A 215 5.00 -3.41 -23.95
CA GLU A 215 6.30 -3.72 -24.52
C GLU A 215 7.00 -2.46 -24.98
N GLY A 216 8.24 -2.26 -24.52
CA GLY A 216 9.03 -1.14 -24.93
C GLY A 216 8.79 0.15 -24.18
N GLU A 217 7.77 0.20 -23.32
CA GLU A 217 7.42 1.43 -22.62
C GLU A 217 8.33 1.63 -21.42
N LYS A 218 8.97 2.80 -21.35
CA LYS A 218 9.87 3.10 -20.24
C LYS A 218 9.06 3.41 -18.98
N ARG A 219 9.42 2.77 -17.87
CA ARG A 219 8.73 2.98 -16.61
C ARG A 219 9.66 3.69 -15.62
N ASN A 220 9.15 4.78 -15.08
CA ASN A 220 9.90 5.54 -14.11
C ASN A 220 10.12 4.71 -12.85
N ARG A 221 11.25 4.95 -12.23
CA ARG A 221 11.63 4.31 -10.99
C ARG A 221 11.23 5.26 -9.88
N ASN A 222 10.05 5.05 -9.31
CA ASN A 222 9.45 6.03 -8.40
C ASN A 222 10.20 6.16 -7.08
N TRP A 223 11.17 5.29 -6.82
CA TRP A 223 12.05 5.45 -5.66
C TRP A 223 13.11 6.52 -5.87
N LEU A 224 13.29 7.00 -7.09
CA LEU A 224 14.26 8.04 -7.38
C LEU A 224 13.56 9.38 -7.44
N PRO A 225 14.09 10.42 -6.77
CA PRO A 225 13.38 11.71 -6.76
C PRO A 225 13.20 12.30 -8.14
N GLY A 226 14.07 11.98 -9.08
CA GLY A 226 13.96 12.47 -10.44
C GLY A 226 13.12 11.61 -11.36
N GLU A 227 12.44 10.57 -10.86
CA GLU A 227 11.63 9.70 -11.69
C GLU A 227 10.33 9.34 -10.98
N SER A 228 9.64 10.34 -10.45
CA SER A 228 8.32 10.06 -9.88
C SER A 228 7.41 9.43 -10.94
N SER A 229 6.67 8.39 -10.52
CA SER A 229 5.65 7.81 -11.39
C SER A 229 4.29 8.49 -11.27
N ALA A 230 4.14 9.47 -10.37
CA ALA A 230 2.86 10.12 -10.21
C ALA A 230 2.49 10.89 -11.49
N GLY A 231 1.26 10.68 -11.96
CA GLY A 231 0.76 11.32 -13.15
C GLY A 231 1.18 10.65 -14.45
N MET A 232 2.14 9.73 -14.43
CA MET A 232 2.66 9.22 -15.68
C MET A 232 1.61 8.33 -16.35
N PHE A 233 1.40 8.57 -17.64
CA PHE A 233 0.50 7.83 -18.53
C PHE A 233 -0.97 8.11 -18.24
N GLU A 234 -1.27 9.10 -17.41
CA GLU A 234 -2.64 9.38 -16.97
C GLU A 234 -3.66 9.28 -18.10
N HIS A 235 -3.37 9.92 -19.23
CA HIS A 235 -4.36 10.04 -20.31
C HIS A 235 -4.02 9.21 -21.52
N ASP A 236 -3.08 8.27 -21.40
CA ASP A 236 -2.68 7.40 -22.49
C ASP A 236 -3.23 6.00 -22.26
N GLU A 237 -3.82 5.39 -23.27
CA GLU A 237 -4.12 3.97 -23.17
C GLU A 237 -2.81 3.18 -23.14
N PRO A 238 -2.83 1.93 -22.65
CA PRO A 238 -4.00 1.20 -22.16
C PRO A 238 -4.26 1.35 -20.68
N TRP A 239 -5.54 1.42 -20.32
CA TRP A 239 -5.99 1.33 -18.94
C TRP A 239 -7.06 0.26 -18.85
N THR A 240 -6.82 -0.74 -18.00
CA THR A 240 -7.74 -1.86 -17.79
C THR A 240 -8.66 -1.55 -16.61
N PHE A 241 -9.97 -1.57 -16.83
CA PHE A 241 -10.92 -1.43 -15.74
C PHE A 241 -10.94 -2.69 -14.89
N VAL A 242 -10.84 -2.53 -13.57
CA VAL A 242 -10.85 -3.67 -12.63
C VAL A 242 -12.29 -3.89 -12.22
N THR A 243 -12.97 -4.78 -12.93
CA THR A 243 -14.40 -4.99 -12.72
C THR A 243 -14.66 -5.46 -11.30
N PRO A 244 -15.54 -4.81 -10.54
CA PRO A 244 -15.92 -5.33 -9.23
C PRO A 244 -16.45 -6.75 -9.32
N THR A 245 -15.90 -7.61 -8.48
CA THR A 245 -16.16 -9.04 -8.50
C THR A 245 -16.29 -9.52 -7.06
N PRO A 246 -17.42 -10.10 -6.65
CA PRO A 246 -17.51 -10.59 -5.28
C PRO A 246 -16.48 -11.68 -4.99
N GLY A 247 -15.99 -11.69 -3.76
CA GLY A 247 -15.20 -12.82 -3.29
C GLY A 247 -13.77 -12.87 -3.77
N VAL A 248 -13.17 -11.73 -4.07
CA VAL A 248 -11.77 -11.66 -4.47
C VAL A 248 -11.12 -10.42 -3.86
N TRP A 249 -9.81 -10.51 -3.73
CA TRP A 249 -8.93 -9.37 -3.56
C TRP A 249 -8.08 -9.28 -4.81
N THR A 250 -7.67 -8.08 -5.19
CA THR A 250 -6.70 -7.93 -6.26
C THR A 250 -5.29 -7.78 -5.69
N VAL A 251 -4.31 -8.13 -6.51
CA VAL A 251 -2.91 -8.09 -6.10
C VAL A 251 -2.08 -7.54 -7.24
N PHE A 252 -1.25 -6.55 -6.96
CA PHE A 252 -0.27 -6.09 -7.94
C PHE A 252 1.02 -5.66 -7.26
N PRO A 253 2.12 -5.62 -8.01
CA PRO A 253 3.41 -5.25 -7.40
C PRO A 253 3.53 -3.76 -7.11
N GLY A 254 4.35 -3.46 -6.10
CA GLY A 254 4.76 -2.12 -5.79
C GLY A 254 6.22 -1.86 -6.16
N ASP A 255 6.67 -0.66 -5.81
CA ASP A 255 7.95 -0.16 -6.29
C ASP A 255 9.10 -1.09 -5.90
N ILE A 256 9.06 -1.66 -4.69
CA ILE A 256 10.16 -2.48 -4.25
C ILE A 256 10.32 -3.72 -5.11
N LEU A 257 9.20 -4.32 -5.52
CA LEU A 257 9.30 -5.49 -6.40
C LEU A 257 9.84 -5.10 -7.77
N GLN A 258 9.46 -3.94 -8.31
CA GLN A 258 10.04 -3.49 -9.57
C GLN A 258 11.56 -3.36 -9.44
N PHE A 259 12.01 -2.70 -8.37
CA PHE A 259 13.44 -2.51 -8.18
C PHE A 259 14.17 -3.83 -7.98
N MET A 260 13.67 -4.67 -7.08
CA MET A 260 14.40 -5.88 -6.75
C MET A 260 14.49 -6.82 -7.96
N THR A 261 13.44 -6.87 -8.77
CA THR A 261 13.44 -7.74 -9.95
C THR A 261 14.03 -7.07 -11.19
N GLY A 262 14.59 -5.87 -11.07
CA GLY A 262 15.16 -5.22 -12.23
C GLY A 262 14.15 -4.99 -13.34
N GLY A 263 12.89 -4.78 -12.98
CA GLY A 263 11.87 -4.54 -13.96
C GLY A 263 11.28 -5.78 -14.59
N GLN A 264 11.68 -6.98 -14.16
N GLN A 264 11.68 -6.98 -14.16
CA GLN A 264 10.96 -8.18 -14.61
CA GLN A 264 10.96 -8.17 -14.63
C GLN A 264 9.51 -8.11 -14.18
C GLN A 264 9.51 -8.14 -14.16
N LEU A 265 9.28 -7.59 -12.98
CA LEU A 265 7.97 -7.16 -12.54
C LEU A 265 7.98 -5.63 -12.52
N LEU A 266 6.83 -5.03 -12.79
CA LEU A 266 6.70 -3.58 -12.78
C LEU A 266 5.70 -3.19 -11.71
N SER A 267 5.97 -2.07 -11.02
CA SER A 267 5.03 -1.51 -10.08
C SER A 267 3.82 -1.03 -10.89
N THR A 268 2.67 -1.62 -10.68
CA THR A 268 1.57 -1.38 -11.61
C THR A 268 1.00 0.02 -11.48
N PRO A 269 1.02 0.83 -12.53
CA PRO A 269 0.35 2.13 -12.46
C PRO A 269 -1.15 1.94 -12.36
N HIS A 270 -1.81 2.80 -11.59
CA HIS A 270 -3.24 2.68 -11.41
C HIS A 270 -3.79 4.05 -11.03
N LYS A 271 -5.11 4.18 -11.20
CA LYS A 271 -5.81 5.43 -10.96
C LYS A 271 -7.25 5.08 -10.64
N VAL A 272 -7.97 6.04 -10.08
CA VAL A 272 -9.37 5.84 -9.74
C VAL A 272 -10.19 6.98 -10.31
N LYS A 273 -11.28 6.62 -10.98
N LYS A 273 -11.28 6.65 -10.98
CA LYS A 273 -12.26 7.56 -11.48
CA LYS A 273 -12.21 7.64 -11.47
C LYS A 273 -13.46 7.60 -10.54
C LYS A 273 -13.49 7.60 -10.64
N LEU A 274 -14.01 8.79 -10.32
CA LEU A 274 -15.24 8.90 -9.56
C LEU A 274 -16.39 8.32 -10.38
N ASN A 275 -17.35 7.74 -9.68
CA ASN A 275 -18.54 7.15 -10.29
C ASN A 275 -19.77 7.96 -9.87
N THR A 276 -20.93 7.49 -10.29
CA THR A 276 -22.17 8.18 -9.97
C THR A 276 -22.62 7.91 -8.55
N ARG A 277 -22.02 6.94 -7.87
N ARG A 277 -22.00 6.97 -7.87
CA ARG A 277 -22.27 6.64 -6.48
CA ARG A 277 -22.27 6.68 -6.48
C ARG A 277 -20.96 6.70 -5.72
C ARG A 277 -20.95 6.69 -5.72
N GLU A 278 -21.04 6.89 -4.40
CA GLU A 278 -19.86 6.78 -3.57
C GLU A 278 -19.31 5.36 -3.65
N ARG A 279 -18.00 5.24 -3.47
CA ARG A 279 -17.31 3.97 -3.64
C ARG A 279 -16.38 3.73 -2.47
N PHE A 280 -16.51 2.57 -1.84
CA PHE A 280 -15.61 2.17 -0.76
C PHE A 280 -14.59 1.17 -1.27
N ALA A 281 -13.35 1.35 -0.84
CA ALA A 281 -12.27 0.43 -1.17
C ALA A 281 -11.28 0.44 -0.03
N CYS A 282 -10.50 -0.64 0.08
CA CYS A 282 -9.38 -0.70 1.00
C CYS A 282 -8.17 -1.19 0.22
N ALA A 283 -7.06 -0.49 0.34
CA ALA A 283 -5.81 -0.87 -0.33
C ALA A 283 -4.79 -1.14 0.77
N TYR A 284 -4.27 -2.36 0.79
CA TYR A 284 -3.31 -2.82 1.77
C TYR A 284 -1.94 -2.97 1.13
N PHE A 285 -0.93 -2.55 1.86
CA PHE A 285 0.46 -2.45 1.39
C PHE A 285 1.29 -3.37 2.26
N HIS A 286 1.82 -4.44 1.63
CA HIS A 286 2.67 -5.41 2.32
C HIS A 286 4.10 -5.00 2.04
N GLU A 287 4.76 -4.49 3.07
CA GLU A 287 5.97 -3.70 2.94
C GLU A 287 7.16 -4.33 3.65
N PRO A 288 8.37 -4.01 3.21
CA PRO A 288 9.55 -4.31 4.04
C PRO A 288 9.49 -3.65 5.40
N ASN A 289 10.31 -4.17 6.31
CA ASN A 289 10.64 -3.45 7.53
C ASN A 289 11.11 -2.04 7.18
N PHE A 290 10.76 -1.09 8.04
CA PHE A 290 11.16 0.30 7.85
C PHE A 290 12.67 0.42 7.69
N GLU A 291 13.43 -0.44 8.33
CA GLU A 291 14.89 -0.37 8.30
C GLU A 291 15.53 -1.23 7.20
N ALA A 292 14.74 -1.98 6.45
CA ALA A 292 15.28 -2.90 5.45
C ALA A 292 15.71 -2.14 4.21
N SER A 293 16.78 -2.63 3.60
CA SER A 293 17.24 -2.11 2.33
C SER A 293 17.01 -3.16 1.25
N ALA A 294 16.19 -2.81 0.28
CA ALA A 294 15.99 -3.65 -0.89
C ALA A 294 17.21 -3.58 -1.79
N TYR A 295 17.44 -4.64 -2.55
CA TYR A 295 18.64 -4.79 -3.37
C TYR A 295 18.26 -5.51 -4.65
N PRO A 296 19.03 -5.32 -5.73
N PRO A 296 19.03 -5.33 -5.72
CA PRO A 296 18.74 -6.04 -6.98
CA PRO A 296 18.73 -6.03 -6.99
C PRO A 296 19.02 -7.52 -6.82
C PRO A 296 19.03 -7.53 -6.87
N LEU A 297 18.01 -8.35 -7.10
CA LEU A 297 18.14 -9.79 -6.94
C LEU A 297 18.99 -10.43 -8.02
N PHE A 298 18.93 -9.89 -9.23
CA PHE A 298 19.52 -10.52 -10.40
C PHE A 298 20.80 -9.82 -10.84
N GLU A 299 21.30 -8.88 -10.05
CA GLU A 299 22.53 -8.14 -10.32
C GLU A 299 23.31 -7.98 -9.02
N PRO A 300 23.94 -9.05 -8.53
CA PRO A 300 24.63 -8.95 -7.24
C PRO A 300 25.76 -7.93 -7.20
N SER A 301 26.33 -7.57 -8.35
CA SER A 301 27.37 -6.56 -8.38
C SER A 301 26.82 -5.14 -8.36
N ALA A 302 25.51 -4.97 -8.51
CA ALA A 302 24.91 -3.64 -8.52
C ALA A 302 24.90 -3.09 -7.10
N ASN A 303 25.26 -1.82 -6.96
CA ASN A 303 25.38 -1.16 -5.67
C ASN A 303 24.13 -0.39 -5.27
N GLU A 304 23.16 -0.22 -6.19
CA GLU A 304 21.93 0.50 -5.85
C GLU A 304 21.16 -0.22 -4.74
N ARG A 305 20.56 0.57 -3.85
CA ARG A 305 19.72 0.04 -2.78
C ARG A 305 18.53 0.97 -2.60
N ILE A 306 17.46 0.45 -2.02
CA ILE A 306 16.37 1.30 -1.54
C ILE A 306 16.21 1.07 -0.05
N HIS A 307 16.47 2.09 0.74
CA HIS A 307 16.10 2.06 2.15
C HIS A 307 14.59 2.26 2.24
N TYR A 308 13.85 1.22 2.66
CA TYR A 308 12.40 1.27 2.49
C TYR A 308 11.78 2.42 3.31
N GLY A 309 12.19 2.57 4.56
CA GLY A 309 11.60 3.62 5.39
C GLY A 309 11.84 5.01 4.83
N GLU A 310 13.02 5.21 4.22
CA GLU A 310 13.29 6.48 3.56
C GLU A 310 12.33 6.70 2.40
N HIS A 311 12.06 5.67 1.61
CA HIS A 311 11.12 5.78 0.50
C HIS A 311 9.72 6.10 1.02
N PHE A 312 9.25 5.34 2.01
CA PHE A 312 7.95 5.62 2.61
C PHE A 312 7.86 7.07 3.07
N THR A 313 8.88 7.51 3.81
CA THR A 313 8.84 8.85 4.38
C THR A 313 8.82 9.91 3.28
N ASN A 314 9.67 9.76 2.27
CA ASN A 314 9.67 10.70 1.16
C ASN A 314 8.31 10.73 0.50
N MET A 315 7.70 9.57 0.29
CA MET A 315 6.42 9.54 -0.39
C MET A 315 5.35 10.24 0.43
N PHE A 316 5.25 9.92 1.72
CA PHE A 316 4.20 10.53 2.51
C PHE A 316 4.40 12.03 2.67
N MET A 317 5.65 12.50 2.68
CA MET A 317 5.86 13.94 2.71
C MET A 317 5.40 14.59 1.42
N ARG A 318 5.56 13.92 0.28
CA ARG A 318 5.11 14.52 -0.99
C ARG A 318 3.59 14.46 -1.11
N CYS A 319 2.95 13.47 -0.46
CA CYS A 319 1.50 13.33 -0.50
C CYS A 319 0.84 14.40 0.34
N TYR A 320 1.46 14.76 1.46
CA TYR A 320 0.83 15.54 2.51
C TYR A 320 1.73 16.69 2.93
N PRO A 321 1.99 17.64 2.03
CA PRO A 321 3.01 18.66 2.35
C PRO A 321 2.67 19.54 3.54
N ASP A 322 1.39 19.72 3.86
CA ASP A 322 0.98 20.63 4.91
C ASP A 322 0.42 19.93 6.15
N ARG A 323 0.44 18.60 6.17
CA ARG A 323 -0.07 17.89 7.33
C ARG A 323 0.84 18.11 8.54
N ILE A 324 0.24 18.10 9.73
CA ILE A 324 1.03 18.31 10.94
C ILE A 324 2.18 17.31 11.04
N THR A 325 1.98 16.08 10.53
CA THR A 325 3.04 15.09 10.56
C THR A 325 4.25 15.56 9.77
N THR A 326 4.01 16.11 8.58
CA THR A 326 5.08 16.60 7.74
C THR A 326 5.73 17.82 8.36
N GLN A 327 4.91 18.73 8.92
CA GLN A 327 5.47 19.91 9.56
C GLN A 327 6.42 19.52 10.69
N ARG A 328 6.05 18.50 11.47
CA ARG A 328 6.89 18.12 12.59
C ARG A 328 8.17 17.44 12.11
N ILE A 329 8.09 16.65 11.05
CA ILE A 329 9.30 16.09 10.43
C ILE A 329 10.26 17.22 10.04
N ASN A 330 9.74 18.26 9.39
CA ASN A 330 10.60 19.37 8.99
C ASN A 330 11.11 20.16 10.20
N LYS A 331 10.23 20.41 11.19
CA LYS A 331 10.62 21.23 12.32
C LYS A 331 11.70 20.58 13.18
N GLU A 332 11.61 19.26 13.37
CA GLU A 332 12.56 18.52 14.19
C GLU A 332 13.67 17.88 13.36
N ASN A 333 13.70 18.16 12.05
CA ASN A 333 14.64 17.55 11.12
C ASN A 333 14.70 16.03 11.31
N ARG A 334 13.53 15.40 11.31
CA ARG A 334 13.47 13.96 11.52
C ARG A 334 14.05 13.18 10.35
N LEU A 335 14.21 13.80 9.19
CA LEU A 335 14.90 13.11 8.10
C LEU A 335 16.37 12.91 8.43
N ALA A 336 16.96 13.81 9.23
CA ALA A 336 18.31 13.59 9.70
C ALA A 336 18.37 12.41 10.66
N HIS A 337 17.42 12.32 11.59
CA HIS A 337 17.32 11.14 12.44
C HIS A 337 17.30 9.87 11.58
N LEU A 338 16.57 9.92 10.45
CA LEU A 338 16.49 8.76 9.58
C LEU A 338 17.87 8.36 9.07
N GLU A 339 18.70 9.34 8.73
CA GLU A 339 20.08 9.02 8.38
C GLU A 339 20.84 8.46 9.57
N ASP A 340 20.61 9.02 10.76
CA ASP A 340 21.27 8.50 11.95
C ASP A 340 20.88 7.06 12.25
N LEU A 341 19.58 6.76 12.23
CA LEU A 341 19.14 5.41 12.58
C LEU A 341 19.64 4.37 11.60
N LYS A 342 20.01 4.77 10.39
CA LYS A 342 20.62 3.82 9.46
C LYS A 342 21.88 3.21 10.05
N LYS A 343 22.58 3.94 10.93
CA LYS A 343 23.85 3.49 11.46
C LYS A 343 23.88 3.26 12.97
N TYR A 344 22.87 3.72 13.74
CA TYR A 344 22.94 3.63 15.19
C TYR A 344 21.64 3.15 15.83
N SER A 345 20.85 2.37 15.09
CA SER A 345 19.61 1.82 15.63
C SER A 345 19.89 0.69 16.63
N ASP A 346 18.94 0.49 17.55
CA ASP A 346 19.02 -0.53 18.58
C ASP A 346 18.00 -1.65 18.41
N THR A 347 17.19 -1.62 17.35
CA THR A 347 16.07 -2.55 17.23
C THR A 347 16.49 -3.96 16.86
N ARG A 348 17.68 -4.14 16.29
CA ARG A 348 18.15 -5.43 15.79
C ARG A 348 17.36 -5.92 14.58
N ALA A 349 16.51 -5.08 14.00
CA ALA A 349 15.80 -5.48 12.79
C ALA A 349 16.77 -5.75 11.64
N THR A 350 17.94 -5.11 11.67
CA THR A 350 19.00 -5.34 10.69
C THR A 350 20.34 -5.32 11.43
N GLY A 351 21.35 -5.92 10.80
CA GLY A 351 22.70 -5.88 11.33
C GLY A 351 22.93 -6.90 12.45
N SER A 352 24.20 -7.01 12.84
CA SER A 352 24.60 -7.94 13.90
C SER A 352 24.08 -7.51 15.26
#